data_6XG7
#
_entry.id   6XG7
#
_cell.length_a   42.633
_cell.length_b   51.917
_cell.length_c   105.119
_cell.angle_alpha   90.000
_cell.angle_beta   90.000
_cell.angle_gamma   90.000
#
_symmetry.space_group_name_H-M   'P 21 21 21'
#
loop_
_entity.id
_entity.type
_entity.pdbx_description
1 polymer 'Thin, isoform D'
2 non-polymer 'SULFATE ION'
3 non-polymer 'TETRAETHYLENE GLYCOL'
4 water water
#
_entity_poly.entity_id   1
_entity_poly.type   'polypeptide(L)'
_entity_poly.pdbx_seq_one_letter_code
;GSTVAAAVAAAGITGAAGTIPKQVYLRKRQQLFQLGGRGSEPGSFTWPRGLAVGPDNSIVVADSSNHRVQVFDSNGIFVK
EFGEYGNGEGEFD(CSO)LAGVAVNRIGQYIIADRYNHRIQVLDPQGRFLRAFGSQGTADGKFNYPWGVTTDALGFIYVC
DKENHRVQVFQSDGSFVGKFGSCGRGEGQLEHPHYIAVSNTNRVIVSDSNNHRIQIFDVNGKVLSTVGGEGSDDGQFKFP
RGVAVDDQGYIFVADSGNNRIQIFNPDGSFLKTFGSWGSGDSEFKGLEGVAIMSNGNILVCDRENHRVQVF
;
_entity_poly.pdbx_strand_id   A
#
# COMPACT_ATOMS: atom_id res chain seq x y z
N ILE A 20 13.26 -20.45 5.18
CA ILE A 20 11.87 -20.79 5.40
C ILE A 20 11.11 -19.56 5.87
N PRO A 21 10.09 -19.14 5.12
CA PRO A 21 9.43 -17.87 5.44
C PRO A 21 8.98 -17.70 6.89
N LYS A 22 8.36 -18.71 7.49
CA LYS A 22 7.95 -18.57 8.89
C LYS A 22 9.12 -18.17 9.79
N GLN A 23 10.27 -18.84 9.62
CA GLN A 23 11.43 -18.53 10.46
C GLN A 23 11.98 -17.14 10.15
N VAL A 24 12.05 -16.79 8.87
CA VAL A 24 12.49 -15.46 8.49
C VAL A 24 11.60 -14.39 9.12
N TYR A 25 10.28 -14.62 9.13
CA TYR A 25 9.36 -13.62 9.68
C TYR A 25 9.42 -13.58 11.20
N LEU A 26 9.59 -14.74 11.85
CA LEU A 26 9.69 -14.72 13.31
C LEU A 26 10.91 -13.96 13.83
N ARG A 27 11.96 -13.85 13.00
CA ARG A 27 13.17 -13.13 13.39
C ARG A 27 13.07 -11.63 13.25
N LYS A 28 12.06 -11.10 12.55
CA LYS A 28 12.02 -9.68 12.23
C LYS A 28 11.96 -8.81 13.47
N ARG A 29 12.79 -7.77 13.49
CA ARG A 29 12.77 -6.78 14.57
C ARG A 29 13.72 -5.64 14.24
N GLN A 30 14.97 -5.96 13.92
CA GLN A 30 16.01 -4.98 13.71
C GLN A 30 16.00 -4.53 12.26
N GLN A 31 15.95 -3.22 12.01
CA GLN A 31 15.99 -2.78 10.62
CA GLN A 31 16.01 -2.74 10.63
C GLN A 31 17.35 -3.08 10.01
N LEU A 32 17.32 -3.45 8.73
CA LEU A 32 18.53 -3.65 7.96
C LEU A 32 19.11 -2.32 7.56
N PHE A 33 18.28 -1.44 7.00
CA PHE A 33 18.69 -0.11 6.60
C PHE A 33 17.44 0.74 6.46
N GLN A 34 17.65 2.02 6.24
CA GLN A 34 16.57 2.95 5.94
C GLN A 34 17.02 3.89 4.84
N LEU A 35 16.05 4.59 4.27
CA LEU A 35 16.33 5.59 3.25
C LEU A 35 15.32 6.72 3.40
N GLY A 36 15.66 7.88 2.87
CA GLY A 36 14.79 9.04 2.93
C GLY A 36 15.33 10.19 3.77
N GLY A 37 14.46 10.78 4.56
CA GLY A 37 14.72 12.05 5.23
C GLY A 37 14.02 13.17 4.50
N ARG A 38 13.56 14.17 5.25
CA ARG A 38 12.70 15.18 4.65
C ARG A 38 13.43 15.98 3.57
N GLY A 39 12.74 16.21 2.47
CA GLY A 39 13.27 17.08 1.44
C GLY A 39 12.74 16.72 0.08
N SER A 40 13.23 17.46 -0.92
CA SER A 40 12.80 17.31 -2.30
CA SER A 40 12.80 17.29 -2.30
C SER A 40 13.93 16.91 -3.24
N GLU A 41 15.15 16.75 -2.73
CA GLU A 41 16.25 16.22 -3.52
C GLU A 41 15.97 14.77 -3.86
N PRO A 42 16.62 14.22 -4.88
CA PRO A 42 16.50 12.79 -5.13
C PRO A 42 16.98 12.02 -3.91
N GLY A 43 16.21 11.03 -3.49
CA GLY A 43 16.52 10.26 -2.31
C GLY A 43 15.92 10.78 -1.02
N SER A 44 15.36 11.98 -1.03
CA SER A 44 14.64 12.53 0.12
C SER A 44 13.15 12.41 -0.16
N PHE A 45 12.34 12.32 0.90
CA PHE A 45 10.90 12.18 0.80
C PHE A 45 10.24 13.30 1.59
N THR A 46 9.01 13.62 1.22
CA THR A 46 8.17 14.48 2.03
C THR A 46 6.81 13.80 2.13
N TRP A 47 6.55 13.21 3.30
CA TRP A 47 5.32 12.48 3.59
C TRP A 47 5.05 11.38 2.58
N PRO A 48 5.96 10.42 2.47
CA PRO A 48 5.72 9.28 1.57
C PRO A 48 4.56 8.43 2.06
N ARG A 49 3.90 7.76 1.10
CA ARG A 49 2.70 6.99 1.41
C ARG A 49 2.83 5.57 0.89
N GLY A 50 2.38 5.33 -0.34
CA GLY A 50 2.44 3.99 -0.89
C GLY A 50 3.86 3.52 -1.16
N LEU A 51 4.01 2.20 -1.13
CA LEU A 51 5.26 1.52 -1.38
C LEU A 51 4.98 0.28 -2.20
N ALA A 52 5.92 -0.07 -3.08
CA ALA A 52 5.77 -1.29 -3.85
C ALA A 52 7.15 -1.87 -4.11
N VAL A 53 7.20 -3.15 -4.44
CA VAL A 53 8.41 -3.79 -4.93
C VAL A 53 8.26 -4.02 -6.43
N GLY A 54 9.28 -3.63 -7.18
CA GLY A 54 9.30 -3.80 -8.61
C GLY A 54 10.28 -4.87 -9.01
N PRO A 55 10.54 -5.00 -10.32
CA PRO A 55 11.48 -6.00 -10.80
C PRO A 55 12.81 -5.90 -10.08
N ASP A 56 13.45 -7.05 -9.88
CA ASP A 56 14.79 -7.07 -9.30
C ASP A 56 14.80 -6.52 -7.86
N ASN A 57 13.68 -6.67 -7.15
CA ASN A 57 13.52 -6.20 -5.77
C ASN A 57 13.78 -4.70 -5.65
N SER A 58 13.34 -3.96 -6.67
CA SER A 58 13.42 -2.51 -6.58
C SER A 58 12.39 -2.01 -5.57
N ILE A 59 12.71 -0.87 -4.98
CA ILE A 59 11.89 -0.23 -3.95
C ILE A 59 11.26 0.99 -4.58
N VAL A 60 9.93 1.01 -4.64
CA VAL A 60 9.17 2.01 -5.37
C VAL A 60 8.34 2.80 -4.34
N VAL A 61 8.54 4.12 -4.30
CA VAL A 61 7.97 4.95 -3.24
C VAL A 61 7.10 6.04 -3.84
N ALA A 62 5.85 6.13 -3.37
CA ALA A 62 4.96 7.24 -3.69
C ALA A 62 5.31 8.39 -2.75
N ASP A 63 6.09 9.34 -3.26
CA ASP A 63 6.61 10.46 -2.48
C ASP A 63 5.59 11.59 -2.57
N SER A 64 4.56 11.47 -1.73
CA SER A 64 3.28 12.14 -2.00
CA SER A 64 3.28 12.15 -2.02
CA SER A 64 3.28 12.14 -2.00
C SER A 64 3.43 13.66 -2.09
N SER A 65 4.07 14.28 -1.10
CA SER A 65 4.08 15.74 -1.10
C SER A 65 5.09 16.32 -2.08
N ASN A 66 5.91 15.49 -2.71
CA ASN A 66 6.72 15.90 -3.83
C ASN A 66 6.11 15.52 -5.17
N HIS A 67 4.93 14.93 -5.17
CA HIS A 67 4.18 14.68 -6.40
C HIS A 67 4.98 13.84 -7.39
N ARG A 68 5.67 12.82 -6.88
CA ARG A 68 6.54 12.00 -7.71
C ARG A 68 6.63 10.59 -7.14
N VAL A 69 7.04 9.67 -7.99
CA VAL A 69 7.47 8.34 -7.60
C VAL A 69 8.99 8.31 -7.66
N GLN A 70 9.61 7.70 -6.64
CA GLN A 70 11.04 7.44 -6.65
C GLN A 70 11.28 5.94 -6.62
N VAL A 71 12.28 5.51 -7.40
CA VAL A 71 12.65 4.11 -7.51
C VAL A 71 14.09 3.96 -7.05
N PHE A 72 14.31 3.00 -6.18
CA PHE A 72 15.60 2.65 -5.62
C PHE A 72 15.90 1.19 -5.93
N ASP A 73 17.18 0.84 -5.90
CA ASP A 73 17.55 -0.56 -5.99
C ASP A 73 17.29 -1.27 -4.66
N SER A 74 17.59 -2.58 -4.64
CA SER A 74 17.29 -3.39 -3.46
C SER A 74 18.12 -3.02 -2.24
N ASN A 75 19.16 -2.21 -2.41
CA ASN A 75 19.93 -1.67 -1.29
C ASN A 75 19.48 -0.28 -0.88
N GLY A 76 18.40 0.23 -1.46
CA GLY A 76 17.97 1.57 -1.10
C GLY A 76 18.71 2.68 -1.79
N ILE A 77 19.43 2.39 -2.87
CA ILE A 77 20.20 3.39 -3.61
CA ILE A 77 20.18 3.41 -3.58
C ILE A 77 19.32 3.95 -4.71
N PHE A 78 19.27 5.28 -4.81
CA PHE A 78 18.40 5.93 -5.78
C PHE A 78 18.77 5.53 -7.20
N VAL A 79 17.73 5.23 -8.00
CA VAL A 79 17.87 4.87 -9.40
C VAL A 79 17.22 5.91 -10.32
N LYS A 80 15.94 6.22 -10.09
CA LYS A 80 15.24 7.13 -10.99
C LYS A 80 14.00 7.68 -10.30
N GLU A 81 13.40 8.68 -10.93
CA GLU A 81 12.15 9.26 -10.44
C GLU A 81 11.33 9.70 -11.63
N PHE A 82 10.04 9.93 -11.37
CA PHE A 82 9.18 10.52 -12.38
C PHE A 82 7.99 11.18 -11.68
N GLY A 83 7.48 12.23 -12.30
CA GLY A 83 6.30 12.92 -11.81
C GLY A 83 6.62 14.33 -11.34
N GLU A 84 5.65 15.21 -11.52
CA GLU A 84 5.69 16.55 -10.96
C GLU A 84 4.25 16.98 -10.71
N TYR A 85 4.08 18.08 -9.98
CA TYR A 85 2.76 18.53 -9.59
C TYR A 85 1.92 18.95 -10.79
N GLY A 86 0.67 18.50 -10.84
CA GLY A 86 -0.26 19.01 -11.81
C GLY A 86 -1.39 18.03 -12.06
N ASN A 87 -2.19 18.34 -13.07
CA ASN A 87 -3.30 17.49 -13.50
C ASN A 87 -3.17 17.02 -14.95
N GLY A 88 -2.03 17.26 -15.58
CA GLY A 88 -1.77 16.73 -16.90
C GLY A 88 -1.25 15.30 -16.87
N GLU A 89 -0.93 14.81 -18.04
CA GLU A 89 -0.49 13.42 -18.17
C GLU A 89 0.89 13.26 -17.53
N GLY A 90 1.02 12.29 -16.64
CA GLY A 90 2.27 12.11 -15.93
C GLY A 90 2.52 13.13 -14.84
N GLU A 91 1.55 13.94 -14.52
CA GLU A 91 1.60 14.86 -13.39
C GLU A 91 0.69 14.31 -12.30
N PHE A 92 1.08 14.55 -11.06
CA PHE A 92 0.37 14.01 -9.92
C PHE A 92 -0.01 15.12 -8.95
N ASP A 93 -1.03 14.84 -8.14
CA ASP A 93 -1.38 15.72 -7.03
C ASP A 93 -1.54 14.85 -5.77
N LEU A 95 -0.17 11.89 -4.77
CA LEU A 95 -0.40 10.47 -5.00
C LEU A 95 -0.23 9.67 -3.71
N ALA A 96 -1.00 8.60 -3.59
CA ALA A 96 -1.05 7.76 -2.40
C ALA A 96 -0.49 6.38 -2.72
N GLY A 97 -1.29 5.51 -3.30
CA GLY A 97 -0.84 4.17 -3.63
C GLY A 97 -0.04 4.09 -4.91
N VAL A 98 0.86 3.11 -4.93
CA VAL A 98 1.62 2.73 -6.11
C VAL A 98 1.76 1.22 -6.14
N ALA A 99 1.72 0.67 -7.35
CA ALA A 99 1.92 -0.75 -7.58
C ALA A 99 2.73 -0.94 -8.85
N VAL A 100 3.37 -2.09 -8.98
CA VAL A 100 4.05 -2.49 -10.21
C VAL A 100 3.41 -3.80 -10.66
N ASN A 101 3.04 -3.87 -11.94
CA ASN A 101 2.36 -5.05 -12.42
C ASN A 101 3.33 -6.08 -13.03
N ARG A 102 2.76 -7.14 -13.58
CA ARG A 102 3.53 -8.29 -14.04
C ARG A 102 4.46 -7.97 -15.21
N ILE A 103 4.22 -6.89 -15.94
CA ILE A 103 5.09 -6.50 -17.05
C ILE A 103 5.86 -5.21 -16.74
N GLY A 104 5.97 -4.87 -15.47
CA GLY A 104 6.82 -3.76 -15.06
C GLY A 104 6.19 -2.39 -15.14
N GLN A 105 4.90 -2.29 -15.45
CA GLN A 105 4.25 -0.99 -15.49
C GLN A 105 3.98 -0.48 -14.09
N TYR A 106 4.07 0.83 -13.93
CA TYR A 106 3.73 1.50 -12.69
C TYR A 106 2.27 1.92 -12.71
N ILE A 107 1.54 1.58 -11.66
CA ILE A 107 0.14 1.94 -11.49
C ILE A 107 0.07 2.88 -10.29
N ILE A 108 -0.42 4.09 -10.50
CA ILE A 108 -0.42 5.14 -9.48
C ILE A 108 -1.84 5.59 -9.18
N ALA A 109 -2.18 5.62 -7.90
CA ALA A 109 -3.44 6.23 -7.45
C ALA A 109 -3.18 7.70 -7.21
N ASP A 110 -3.69 8.53 -8.11
CA ASP A 110 -3.41 9.97 -8.15
C ASP A 110 -4.49 10.67 -7.34
N ARG A 111 -4.31 10.65 -6.02
CA ARG A 111 -5.34 10.93 -5.03
C ARG A 111 -6.18 12.18 -5.34
N TYR A 112 -5.54 13.35 -5.43
CA TYR A 112 -6.29 14.60 -5.55
C TYR A 112 -6.72 14.91 -6.99
N ASN A 113 -6.27 14.12 -7.95
CA ASN A 113 -6.86 14.16 -9.29
C ASN A 113 -7.92 13.09 -9.50
N HIS A 114 -8.18 12.26 -8.49
CA HIS A 114 -9.26 11.28 -8.53
C HIS A 114 -9.18 10.42 -9.78
N ARG A 115 -7.98 9.88 -10.02
CA ARG A 115 -7.74 9.06 -11.21
C ARG A 115 -6.61 8.10 -10.92
N ILE A 116 -6.49 7.10 -11.79
CA ILE A 116 -5.37 6.17 -11.85
C ILE A 116 -4.54 6.51 -13.08
N GLN A 117 -3.22 6.42 -12.95
CA GLN A 117 -2.32 6.53 -14.10
C GLN A 117 -1.48 5.28 -14.24
N VAL A 118 -1.28 4.87 -15.49
CA VAL A 118 -0.43 3.75 -15.85
C VAL A 118 0.75 4.30 -16.63
N LEU A 119 1.96 3.95 -16.19
CA LEU A 119 3.19 4.37 -16.84
C LEU A 119 3.99 3.13 -17.22
N ASP A 120 4.75 3.22 -18.30
CA ASP A 120 5.50 2.06 -18.74
C ASP A 120 6.67 1.81 -17.80
N PRO A 121 7.42 0.72 -18.00
CA PRO A 121 8.48 0.37 -17.04
C PRO A 121 9.59 1.40 -16.95
N GLN A 122 9.66 2.33 -17.90
CA GLN A 122 10.63 3.42 -17.87
C GLN A 122 10.04 4.68 -17.25
N GLY A 123 8.80 4.65 -16.80
CA GLY A 123 8.16 5.83 -16.25
C GLY A 123 7.48 6.71 -17.25
N ARG A 124 7.24 6.24 -18.48
CA ARG A 124 6.61 7.02 -19.53
C ARG A 124 5.10 6.84 -19.45
N PHE A 125 4.37 7.95 -19.43
CA PHE A 125 2.92 7.88 -19.30
C PHE A 125 2.32 7.08 -20.44
N LEU A 126 1.41 6.17 -20.09
CA LEU A 126 0.64 5.41 -21.06
C LEU A 126 -0.83 5.79 -21.06
N ARG A 127 -1.45 5.90 -19.89
CA ARG A 127 -2.88 6.21 -19.86
C ARG A 127 -3.30 6.63 -18.48
N ALA A 128 -4.42 7.34 -18.44
CA ALA A 128 -5.10 7.72 -17.21
C ALA A 128 -6.55 7.30 -17.34
N PHE A 129 -7.14 6.90 -16.22
CA PHE A 129 -8.57 6.64 -16.20
C PHE A 129 -9.15 7.08 -14.88
N GLY A 130 -10.39 7.55 -14.94
CA GLY A 130 -11.12 7.97 -13.77
C GLY A 130 -11.18 9.49 -13.65
N SER A 131 -12.20 9.94 -12.93
CA SER A 131 -12.34 11.32 -12.52
C SER A 131 -13.19 11.31 -11.25
N GLN A 132 -13.38 12.48 -10.66
CA GLN A 132 -14.03 12.58 -9.36
C GLN A 132 -15.53 12.30 -9.48
N GLY A 133 -16.03 11.42 -8.62
CA GLY A 133 -17.46 11.14 -8.58
C GLY A 133 -17.75 9.76 -8.00
N THR A 134 -19.01 9.36 -8.16
CA THR A 134 -19.52 8.11 -7.60
C THR A 134 -19.96 7.11 -8.66
N ALA A 135 -20.07 7.50 -9.93
CA ALA A 135 -20.38 6.55 -10.98
C ALA A 135 -19.31 5.46 -11.05
N ASP A 136 -19.65 4.35 -11.68
CA ASP A 136 -18.66 3.30 -11.92
C ASP A 136 -17.50 3.89 -12.70
N GLY A 137 -16.28 3.62 -12.24
CA GLY A 137 -15.11 4.18 -12.89
C GLY A 137 -14.74 5.58 -12.45
N LYS A 138 -15.51 6.17 -11.54
CA LYS A 138 -15.15 7.45 -10.93
C LYS A 138 -14.80 7.20 -9.47
N PHE A 139 -13.99 8.10 -8.91
CA PHE A 139 -13.43 7.93 -7.58
C PHE A 139 -13.67 9.14 -6.69
N ASN A 140 -13.66 8.89 -5.41
CA ASN A 140 -13.49 9.94 -4.41
C ASN A 140 -12.31 9.54 -3.55
N TYR A 141 -11.14 10.01 -3.96
CA TYR A 141 -9.86 9.82 -3.29
C TYR A 141 -9.39 8.38 -3.43
N PRO A 142 -8.99 7.98 -4.63
CA PRO A 142 -8.36 6.66 -4.76
C PRO A 142 -7.06 6.64 -3.97
N TRP A 143 -6.86 5.54 -3.25
CA TRP A 143 -5.76 5.46 -2.29
C TRP A 143 -4.87 4.27 -2.63
N GLY A 144 -5.10 3.11 -2.04
CA GLY A 144 -4.31 1.95 -2.40
C GLY A 144 -4.67 1.42 -3.77
N VAL A 145 -3.67 0.81 -4.41
CA VAL A 145 -3.84 0.17 -5.71
C VAL A 145 -2.95 -1.06 -5.76
N THR A 146 -3.45 -2.12 -6.39
CA THR A 146 -2.67 -3.32 -6.59
C THR A 146 -3.13 -4.01 -7.87
N THR A 147 -2.41 -5.05 -8.25
CA THR A 147 -2.72 -5.80 -9.46
C THR A 147 -2.62 -7.30 -9.19
N ASP A 148 -3.28 -8.07 -10.04
CA ASP A 148 -3.20 -9.53 -9.95
C ASP A 148 -2.37 -10.11 -11.09
N ALA A 149 -2.25 -11.45 -11.10
CA ALA A 149 -1.41 -12.15 -12.07
C ALA A 149 -1.84 -11.90 -13.51
N LEU A 150 -3.09 -11.54 -13.74
CA LEU A 150 -3.59 -11.28 -15.09
C LEU A 150 -3.53 -9.81 -15.46
N GLY A 151 -3.13 -8.96 -14.53
CA GLY A 151 -3.03 -7.54 -14.80
C GLY A 151 -4.25 -6.71 -14.45
N PHE A 152 -5.28 -7.32 -13.87
CA PHE A 152 -6.38 -6.49 -13.38
C PHE A 152 -5.88 -5.56 -12.29
N ILE A 153 -6.49 -4.37 -12.24
CA ILE A 153 -6.16 -3.31 -11.30
C ILE A 153 -7.28 -3.21 -10.26
N TYR A 154 -6.90 -3.21 -8.99
CA TYR A 154 -7.84 -3.13 -7.87
C TYR A 154 -7.52 -1.86 -7.09
N VAL A 155 -8.54 -1.02 -6.89
CA VAL A 155 -8.38 0.31 -6.33
C VAL A 155 -9.23 0.46 -5.07
N CYS A 156 -8.59 0.86 -4.02
CA CYS A 156 -9.36 1.36 -2.82
CA CYS A 156 -9.34 1.25 -2.81
C CYS A 156 -9.89 2.82 -2.97
N ASP A 157 -11.18 2.91 -3.20
CA ASP A 157 -11.83 4.17 -3.54
C ASP A 157 -12.36 4.70 -2.21
N LYS A 158 -11.50 5.44 -1.51
CA LYS A 158 -11.61 5.56 -0.05
C LYS A 158 -12.95 6.17 0.36
N GLU A 159 -13.28 7.35 -0.17
CA GLU A 159 -14.50 8.02 0.29
C GLU A 159 -15.76 7.48 -0.35
N ASN A 160 -15.65 6.55 -1.30
CA ASN A 160 -16.82 5.81 -1.75
C ASN A 160 -16.94 4.45 -1.06
N HIS A 161 -16.08 4.16 -0.09
CA HIS A 161 -16.24 2.98 0.75
CA HIS A 161 -16.15 2.98 0.76
C HIS A 161 -16.26 1.69 -0.07
N ARG A 162 -15.41 1.61 -1.09
CA ARG A 162 -15.51 0.49 -2.01
C ARG A 162 -14.16 0.19 -2.65
N VAL A 163 -14.08 -1.00 -3.23
CA VAL A 163 -13.02 -1.40 -4.13
C VAL A 163 -13.60 -1.43 -5.52
N GLN A 164 -12.87 -0.89 -6.49
CA GLN A 164 -13.23 -1.00 -7.88
C GLN A 164 -12.14 -1.77 -8.62
N VAL A 165 -12.57 -2.55 -9.61
CA VAL A 165 -11.71 -3.47 -10.36
C VAL A 165 -11.78 -3.08 -11.84
N PHE A 166 -10.61 -3.05 -12.47
CA PHE A 166 -10.45 -2.60 -13.85
C PHE A 166 -9.56 -3.57 -14.60
N GLN A 167 -9.75 -3.63 -15.92
CA GLN A 167 -8.73 -4.21 -16.76
C GLN A 167 -7.49 -3.32 -16.76
N SER A 168 -6.39 -3.85 -17.28
CA SER A 168 -5.14 -3.10 -17.25
C SER A 168 -5.22 -1.81 -18.07
N ASP A 169 -6.18 -1.69 -18.99
CA ASP A 169 -6.40 -0.47 -19.79
C ASP A 169 -7.39 0.49 -19.16
N GLY A 170 -7.87 0.19 -17.96
CA GLY A 170 -8.79 1.06 -17.26
C GLY A 170 -10.25 0.76 -17.50
N SER A 171 -10.57 -0.23 -18.32
CA SER A 171 -11.97 -0.61 -18.51
C SER A 171 -12.58 -1.12 -17.21
N PHE A 172 -13.77 -0.63 -16.86
CA PHE A 172 -14.42 -1.05 -15.63
C PHE A 172 -14.84 -2.51 -15.69
N VAL A 173 -14.50 -3.25 -14.65
CA VAL A 173 -14.87 -4.66 -14.50
C VAL A 173 -15.97 -4.83 -13.45
N GLY A 174 -15.78 -4.26 -12.26
CA GLY A 174 -16.76 -4.46 -11.20
C GLY A 174 -16.33 -3.73 -9.94
N LYS A 175 -17.14 -3.88 -8.89
CA LYS A 175 -16.88 -3.18 -7.64
C LYS A 175 -17.56 -3.93 -6.52
N PHE A 176 -17.10 -3.65 -5.29
CA PHE A 176 -17.73 -4.20 -4.10
C PHE A 176 -17.41 -3.31 -2.91
N GLY A 177 -18.28 -3.37 -1.93
CA GLY A 177 -18.10 -2.63 -0.70
C GLY A 177 -19.02 -1.44 -0.62
N SER A 178 -19.45 -1.12 0.60
CA SER A 178 -20.19 0.10 0.87
C SER A 178 -20.03 0.42 2.35
N CYS A 179 -20.56 1.58 2.73
CA CYS A 179 -20.30 2.11 4.06
CA CYS A 179 -20.31 2.12 4.07
C CYS A 179 -20.92 1.22 5.14
N GLY A 180 -20.19 1.09 6.24
CA GLY A 180 -20.71 0.38 7.40
C GLY A 180 -19.65 -0.44 8.11
N ARG A 181 -20.03 -1.06 9.23
CA ARG A 181 -19.16 -1.97 9.98
C ARG A 181 -19.62 -3.42 9.86
N GLY A 182 -20.67 -3.68 9.07
CA GLY A 182 -21.11 -5.03 8.84
C GLY A 182 -20.20 -5.81 7.91
N GLU A 183 -20.57 -7.08 7.70
CA GLU A 183 -19.84 -7.93 6.78
C GLU A 183 -19.88 -7.33 5.37
N GLY A 184 -18.71 -7.29 4.72
CA GLY A 184 -18.60 -6.71 3.40
C GLY A 184 -18.68 -5.21 3.33
N GLN A 185 -18.84 -4.52 4.44
CA GLN A 185 -18.86 -3.07 4.46
C GLN A 185 -17.50 -2.52 4.88
N LEU A 186 -17.24 -1.28 4.50
CA LEU A 186 -15.94 -0.67 4.68
C LEU A 186 -16.12 0.77 5.14
N GLU A 187 -15.18 1.23 5.97
CA GLU A 187 -15.14 2.61 6.45
C GLU A 187 -13.74 3.16 6.22
N HIS A 188 -13.61 4.03 5.21
CA HIS A 188 -12.33 4.65 4.91
CA HIS A 188 -12.35 4.65 4.85
C HIS A 188 -11.26 3.62 4.61
N PRO A 189 -11.48 2.67 3.70
CA PRO A 189 -10.44 1.71 3.36
C PRO A 189 -9.28 2.45 2.68
N HIS A 190 -8.06 2.07 3.03
CA HIS A 190 -6.87 2.73 2.51
C HIS A 190 -6.05 1.86 1.56
N TYR A 191 -5.60 0.69 1.98
CA TYR A 191 -4.67 -0.10 1.19
C TYR A 191 -5.23 -1.48 0.89
N ILE A 192 -4.57 -2.14 -0.06
CA ILE A 192 -5.11 -3.35 -0.68
C ILE A 192 -3.99 -4.23 -1.20
N ALA A 193 -4.25 -5.54 -1.19
CA ALA A 193 -3.33 -6.53 -1.75
C ALA A 193 -4.18 -7.66 -2.30
N VAL A 194 -3.66 -8.35 -3.31
CA VAL A 194 -4.34 -9.50 -3.88
C VAL A 194 -3.38 -10.69 -3.86
N SER A 195 -3.84 -11.80 -3.29
CA SER A 195 -3.01 -12.99 -3.12
C SER A 195 -2.99 -13.86 -4.39
N ASN A 196 -2.05 -14.81 -4.42
CA ASN A 196 -2.01 -15.81 -5.48
C ASN A 196 -3.26 -16.68 -5.48
N THR A 197 -3.92 -16.81 -4.33
CA THR A 197 -5.20 -17.50 -4.22
C THR A 197 -6.39 -16.61 -4.60
N ASN A 198 -6.12 -15.45 -5.19
CA ASN A 198 -7.16 -14.53 -5.70
C ASN A 198 -8.09 -14.07 -4.58
N ARG A 199 -7.50 -13.76 -3.45
CA ARG A 199 -8.20 -13.09 -2.36
C ARG A 199 -7.76 -11.64 -2.35
N VAL A 200 -8.74 -10.76 -2.16
CA VAL A 200 -8.53 -9.31 -2.12
C VAL A 200 -8.54 -8.90 -0.66
N ILE A 201 -7.40 -8.43 -0.18
CA ILE A 201 -7.15 -8.12 1.22
C ILE A 201 -7.18 -6.61 1.37
N VAL A 202 -8.11 -6.11 2.16
CA VAL A 202 -8.38 -4.67 2.26
C VAL A 202 -8.19 -4.21 3.70
N SER A 203 -7.40 -3.15 3.89
CA SER A 203 -7.28 -2.52 5.21
CA SER A 203 -7.31 -2.55 5.23
C SER A 203 -8.49 -1.61 5.41
N ASP A 204 -9.40 -2.01 6.29
CA ASP A 204 -10.66 -1.33 6.53
C ASP A 204 -10.44 -0.42 7.74
N SER A 205 -9.79 0.73 7.47
CA SER A 205 -9.08 1.45 8.52
C SER A 205 -9.98 1.85 9.68
N ASN A 206 -11.13 2.47 9.41
CA ASN A 206 -11.93 2.99 10.50
C ASN A 206 -12.76 1.92 11.18
N ASN A 207 -12.74 0.69 10.68
CA ASN A 207 -13.27 -0.46 11.39
C ASN A 207 -12.17 -1.29 12.05
N HIS A 208 -10.92 -0.84 12.02
CA HIS A 208 -9.84 -1.48 12.77
C HIS A 208 -9.71 -2.96 12.43
N ARG A 209 -9.84 -3.28 11.15
CA ARG A 209 -9.82 -4.67 10.73
C ARG A 209 -9.32 -4.77 9.29
N ILE A 210 -8.90 -5.97 8.93
CA ILE A 210 -8.65 -6.35 7.55
C ILE A 210 -9.84 -7.17 7.09
N GLN A 211 -10.35 -6.87 5.90
CA GLN A 211 -11.43 -7.66 5.31
C GLN A 211 -10.91 -8.33 4.06
N ILE A 212 -11.24 -9.60 3.92
CA ILE A 212 -10.73 -10.43 2.83
C ILE A 212 -11.91 -10.88 2.00
N PHE A 213 -11.87 -10.59 0.70
CA PHE A 213 -12.93 -10.86 -0.26
C PHE A 213 -12.41 -11.80 -1.33
N ASP A 214 -13.31 -12.50 -2.00
CA ASP A 214 -12.88 -13.10 -3.26
C ASP A 214 -12.92 -12.04 -4.37
N VAL A 215 -12.34 -12.38 -5.52
CA VAL A 215 -12.24 -11.40 -6.60
C VAL A 215 -13.61 -11.04 -7.14
N ASN A 216 -14.61 -11.90 -6.94
CA ASN A 216 -15.98 -11.59 -7.29
C ASN A 216 -16.63 -10.62 -6.30
N GLY A 217 -16.02 -10.36 -5.15
CA GLY A 217 -16.57 -9.44 -4.16
C GLY A 217 -17.23 -10.08 -2.97
N LYS A 218 -17.23 -11.41 -2.84
CA LYS A 218 -17.84 -12.06 -1.69
C LYS A 218 -16.89 -12.04 -0.50
N VAL A 219 -17.43 -11.78 0.68
CA VAL A 219 -16.59 -11.74 1.87
C VAL A 219 -16.18 -13.15 2.25
N LEU A 220 -14.88 -13.33 2.47
CA LEU A 220 -14.36 -14.60 2.93
C LEU A 220 -14.05 -14.60 4.41
N SER A 221 -13.48 -13.51 4.94
CA SER A 221 -13.12 -13.49 6.35
C SER A 221 -12.73 -12.08 6.76
N THR A 222 -12.62 -11.91 8.07
CA THR A 222 -12.15 -10.70 8.70
C THR A 222 -10.97 -11.10 9.56
N VAL A 223 -9.97 -10.22 9.61
CA VAL A 223 -8.83 -10.38 10.50
C VAL A 223 -8.81 -9.20 11.44
N GLY A 224 -8.79 -9.48 12.72
CA GLY A 224 -8.59 -8.46 13.71
C GLY A 224 -9.85 -7.71 14.08
N GLY A 225 -9.59 -6.66 14.84
CA GLY A 225 -10.60 -5.80 15.45
C GLY A 225 -9.88 -4.82 16.34
N GLU A 226 -10.63 -3.90 16.92
CA GLU A 226 -10.02 -2.75 17.58
C GLU A 226 -9.29 -3.15 18.86
N GLY A 227 -8.03 -2.74 18.98
CA GLY A 227 -7.28 -2.97 20.20
C GLY A 227 -5.79 -2.89 19.96
N SER A 228 -5.03 -3.19 21.02
CA SER A 228 -3.58 -3.15 20.98
C SER A 228 -2.92 -4.47 21.33
N ASP A 229 -3.70 -5.52 21.56
CA ASP A 229 -3.08 -6.83 21.76
C ASP A 229 -2.65 -7.40 20.41
N ASP A 230 -1.88 -8.49 20.47
CA ASP A 230 -1.50 -9.20 19.25
C ASP A 230 -2.76 -9.55 18.46
N GLY A 231 -2.76 -9.23 17.17
CA GLY A 231 -3.88 -9.55 16.31
C GLY A 231 -5.01 -8.53 16.31
N GLN A 232 -4.88 -7.44 17.05
CA GLN A 232 -5.82 -6.34 17.06
C GLN A 232 -5.16 -5.12 16.43
N PHE A 233 -5.98 -4.22 15.90
CA PHE A 233 -5.47 -3.08 15.16
C PHE A 233 -6.07 -1.77 15.68
N LYS A 234 -5.37 -0.68 15.39
CA LYS A 234 -5.91 0.68 15.47
C LYS A 234 -5.57 1.37 14.17
N PHE A 235 -6.59 1.65 13.35
CA PHE A 235 -6.44 2.40 12.11
C PHE A 235 -5.36 1.79 11.22
N PRO A 236 -5.50 0.51 10.85
CA PRO A 236 -4.49 -0.11 9.98
C PRO A 236 -4.41 0.59 8.64
N ARG A 237 -3.20 0.61 8.06
CA ARG A 237 -2.95 1.26 6.78
C ARG A 237 -2.40 0.24 5.79
N GLY A 238 -1.11 0.27 5.49
CA GLY A 238 -0.58 -0.59 4.45
C GLY A 238 -0.85 -2.06 4.70
N VAL A 239 -1.10 -2.79 3.62
CA VAL A 239 -1.20 -4.24 3.65
CA VAL A 239 -1.21 -4.24 3.64
C VAL A 239 -0.40 -4.82 2.48
N ALA A 240 0.18 -6.00 2.70
CA ALA A 240 0.89 -6.70 1.65
C ALA A 240 0.71 -8.19 1.88
N VAL A 241 0.96 -8.96 0.84
CA VAL A 241 0.86 -10.42 0.90
C VAL A 241 2.05 -11.00 0.16
N ASP A 242 2.64 -12.07 0.70
CA ASP A 242 3.74 -12.75 0.01
C ASP A 242 3.19 -13.87 -0.86
N ASP A 243 4.09 -14.59 -1.52
CA ASP A 243 3.67 -15.57 -2.52
C ASP A 243 2.95 -16.76 -1.93
N GLN A 244 3.10 -17.03 -0.64
CA GLN A 244 2.39 -18.12 0.01
C GLN A 244 1.15 -17.66 0.77
N GLY A 245 0.90 -16.37 0.81
CA GLY A 245 -0.28 -15.88 1.48
C GLY A 245 -0.08 -15.27 2.85
N TYR A 246 1.15 -15.19 3.34
CA TYR A 246 1.37 -14.46 4.59
C TYR A 246 0.97 -13.01 4.38
N ILE A 247 0.37 -12.43 5.40
CA ILE A 247 -0.21 -11.08 5.34
C ILE A 247 0.53 -10.17 6.29
N PHE A 248 0.88 -8.97 5.80
CA PHE A 248 1.65 -7.98 6.52
C PHE A 248 0.79 -6.74 6.65
N VAL A 249 0.65 -6.23 7.87
CA VAL A 249 -0.19 -5.08 8.13
C VAL A 249 0.61 -4.00 8.82
N ALA A 250 0.55 -2.79 8.28
CA ALA A 250 1.06 -1.60 8.94
C ALA A 250 -0.02 -1.10 9.89
N ASP A 251 0.10 -1.47 11.18
CA ASP A 251 -0.91 -1.18 12.20
C ASP A 251 -0.59 0.22 12.73
N SER A 252 -1.04 1.21 11.98
CA SER A 252 -0.50 2.57 12.15
CA SER A 252 -0.53 2.58 12.14
CA SER A 252 -0.50 2.57 12.15
C SER A 252 -0.79 3.13 13.54
N GLY A 253 -2.00 2.91 14.04
CA GLY A 253 -2.35 3.47 15.35
C GLY A 253 -1.59 2.85 16.50
N ASN A 254 -1.04 1.66 16.31
CA ASN A 254 -0.23 1.02 17.33
C ASN A 254 1.26 1.08 17.00
N ASN A 255 1.62 1.78 15.93
CA ASN A 255 3.02 2.02 15.57
C ASN A 255 3.82 0.71 15.47
N ARG A 256 3.26 -0.24 14.72
CA ARG A 256 3.87 -1.56 14.61
C ARG A 256 3.45 -2.24 13.33
N ILE A 257 4.26 -3.21 12.92
CA ILE A 257 3.94 -4.12 11.82
C ILE A 257 3.47 -5.42 12.44
N GLN A 258 2.40 -6.01 11.91
CA GLN A 258 1.97 -7.34 12.30
C GLN A 258 2.00 -8.26 11.09
N ILE A 259 2.38 -9.52 11.32
CA ILE A 259 2.44 -10.55 10.30
C ILE A 259 1.49 -11.65 10.70
N PHE A 260 0.74 -12.16 9.72
CA PHE A 260 -0.24 -13.22 9.90
C PHE A 260 0.08 -14.37 8.98
N ASN A 261 -0.16 -15.59 9.47
CA ASN A 261 -0.11 -16.76 8.63
C ASN A 261 -1.20 -16.67 7.56
N PRO A 262 -1.10 -17.46 6.49
CA PRO A 262 -2.10 -17.35 5.41
C PRO A 262 -3.52 -17.58 5.88
N ASP A 263 -3.73 -18.37 6.94
CA ASP A 263 -5.07 -18.60 7.47
C ASP A 263 -5.57 -17.46 8.35
N GLY A 264 -4.83 -16.35 8.44
CA GLY A 264 -5.25 -15.21 9.22
C GLY A 264 -4.84 -15.22 10.67
N SER A 265 -4.18 -16.28 11.15
CA SER A 265 -3.79 -16.30 12.55
C SER A 265 -2.51 -15.48 12.76
N PHE A 266 -2.41 -14.89 13.94
CA PHE A 266 -1.27 -14.03 14.26
C PHE A 266 0.01 -14.82 14.30
N LEU A 267 1.06 -14.24 13.71
CA LEU A 267 2.40 -14.81 13.74
C LEU A 267 3.41 -13.97 14.52
N LYS A 268 3.48 -12.66 14.27
CA LYS A 268 4.58 -11.85 14.77
C LYS A 268 4.21 -10.37 14.71
N THR A 269 4.72 -9.62 15.68
CA THR A 269 4.70 -8.17 15.59
C THR A 269 6.07 -7.59 15.96
N PHE A 270 6.38 -6.44 15.36
CA PHE A 270 7.57 -5.68 15.73
C PHE A 270 7.31 -4.20 15.50
N GLY A 271 8.04 -3.39 16.22
CA GLY A 271 7.96 -1.94 16.11
C GLY A 271 7.25 -1.31 17.28
N SER A 272 7.60 -0.06 17.57
CA SER A 272 6.96 0.77 18.57
C SER A 272 7.16 2.23 18.18
N TRP A 273 6.53 3.12 18.94
CA TRP A 273 6.55 4.55 18.62
C TRP A 273 7.94 5.14 18.76
N GLY A 274 8.35 5.92 17.77
CA GLY A 274 9.55 6.72 17.89
C GLY A 274 10.14 7.06 16.54
N SER A 275 11.26 7.77 16.58
CA SER A 275 12.00 8.17 15.39
CA SER A 275 12.00 8.17 15.39
C SER A 275 13.36 7.49 15.29
N GLY A 276 13.65 6.56 16.19
CA GLY A 276 14.91 5.84 16.19
C GLY A 276 14.84 4.61 15.32
N ASP A 277 15.92 3.84 15.38
CA ASP A 277 16.02 2.59 14.63
CA ASP A 277 15.99 2.61 14.61
C ASP A 277 14.87 1.66 15.02
N SER A 278 14.16 1.12 14.03
CA SER A 278 13.11 0.12 14.24
C SER A 278 11.91 0.68 14.99
N GLU A 279 11.74 2.00 14.99
CA GLU A 279 10.58 2.66 15.56
C GLU A 279 9.84 3.39 14.45
N PHE A 280 8.59 3.71 14.71
CA PHE A 280 7.72 4.31 13.71
C PHE A 280 6.88 5.43 14.33
N LYS A 281 6.49 6.40 13.51
CA LYS A 281 5.54 7.41 13.98
C LYS A 281 4.26 7.56 13.17
N GLY A 282 4.25 7.21 11.90
CA GLY A 282 3.04 7.30 11.12
C GLY A 282 3.08 6.39 9.90
N LEU A 283 2.76 5.12 10.08
CA LEU A 283 2.93 4.14 9.02
C LEU A 283 1.92 4.33 7.90
N GLU A 284 2.39 4.10 6.67
CA GLU A 284 1.57 4.10 5.47
C GLU A 284 1.72 2.77 4.76
N GLY A 285 2.34 2.76 3.58
CA GLY A 285 2.45 1.55 2.80
C GLY A 285 3.41 0.52 3.38
N VAL A 286 3.23 -0.73 2.95
CA VAL A 286 4.10 -1.83 3.31
C VAL A 286 4.24 -2.69 2.06
N ALA A 287 5.39 -3.35 1.92
CA ALA A 287 5.63 -4.24 0.79
C ALA A 287 6.63 -5.31 1.21
N ILE A 288 6.74 -6.36 0.39
CA ILE A 288 7.57 -7.52 0.72
C ILE A 288 8.42 -7.89 -0.50
N MET A 289 9.74 -7.96 -0.30
CA MET A 289 10.65 -8.39 -1.36
C MET A 289 10.62 -9.91 -1.49
N SER A 290 11.17 -10.40 -2.59
CA SER A 290 11.17 -11.83 -2.87
C SER A 290 11.97 -12.62 -1.85
N ASN A 291 12.89 -12.00 -1.14
CA ASN A 291 13.70 -12.67 -0.13
C ASN A 291 13.14 -12.53 1.27
N GLY A 292 11.94 -11.96 1.41
CA GLY A 292 11.33 -11.79 2.71
C GLY A 292 11.66 -10.51 3.42
N ASN A 293 12.41 -9.60 2.81
CA ASN A 293 12.62 -8.29 3.42
C ASN A 293 11.32 -7.52 3.37
N ILE A 294 10.92 -6.96 4.52
CA ILE A 294 9.69 -6.19 4.68
C ILE A 294 10.07 -4.71 4.59
N LEU A 295 9.37 -3.98 3.71
CA LEU A 295 9.58 -2.56 3.50
C LEU A 295 8.41 -1.82 4.10
N VAL A 296 8.68 -0.72 4.80
CA VAL A 296 7.68 0.01 5.57
C VAL A 296 7.86 1.51 5.31
N CYS A 297 6.82 2.17 4.92
CA CYS A 297 6.86 3.64 4.82
CA CYS A 297 6.83 3.67 4.80
C CYS A 297 6.36 4.34 6.14
N ASP A 298 7.29 5.08 6.76
CA ASP A 298 7.09 5.77 8.04
C ASP A 298 6.90 7.25 7.68
N ARG A 299 5.66 7.61 7.34
CA ARG A 299 5.38 8.91 6.71
C ARG A 299 5.85 10.06 7.59
N GLU A 300 5.58 10.00 8.88
CA GLU A 300 5.89 11.10 9.80
C GLU A 300 7.38 11.32 9.97
N ASN A 301 8.19 10.28 9.79
CA ASN A 301 9.64 10.39 9.81
C ASN A 301 10.24 10.47 8.40
N HIS A 302 9.40 10.58 7.38
CA HIS A 302 9.84 10.82 6.00
C HIS A 302 10.83 9.76 5.54
N ARG A 303 10.57 8.50 5.88
CA ARG A 303 11.56 7.47 5.60
C ARG A 303 10.88 6.16 5.26
N VAL A 304 11.66 5.29 4.62
CA VAL A 304 11.33 3.90 4.39
C VAL A 304 12.35 3.07 5.16
N GLN A 305 11.87 2.10 5.92
CA GLN A 305 12.72 1.19 6.67
CA GLN A 305 12.71 1.19 6.68
C GLN A 305 12.53 -0.22 6.12
N VAL A 306 13.63 -0.97 6.07
CA VAL A 306 13.66 -2.31 5.51
C VAL A 306 14.10 -3.27 6.61
N PHE A 307 13.35 -4.38 6.78
CA PHE A 307 13.56 -5.32 7.87
C PHE A 307 13.74 -6.75 7.41
#